data_1EVD
# 
_entry.id   1EVD 
# 
_audit_conform.dict_name       mmcif_pdbx.dic 
_audit_conform.dict_version    5.381 
_audit_conform.dict_location   http://mmcif.pdb.org/dictionaries/ascii/mmcif_pdbx.dic 
# 
loop_
_database_2.database_id 
_database_2.database_code 
_database_2.pdbx_database_accession 
_database_2.pdbx_DOI 
PDB   1EVD         pdb_00001evd 10.2210/pdb1evd/pdb 
WWPDB D_1000173182 ?            ?                   
# 
_pdbx_database_related.db_name        PDB 
_pdbx_database_related.db_id          1EVC 
_pdbx_database_related.details        . 
_pdbx_database_related.content_type   ensemble 
# 
_pdbx_database_status.status_code                     REL 
_pdbx_database_status.entry_id                        1EVD 
_pdbx_database_status.recvd_initial_deposition_date   1996-02-14 
_pdbx_database_status.deposit_site                    ? 
_pdbx_database_status.process_site                    BNL 
_pdbx_database_status.status_code_sf                  ? 
_pdbx_database_status.status_code_mr                  REL 
_pdbx_database_status.SG_entry                        ? 
_pdbx_database_status.status_code_cs                  ? 
_pdbx_database_status.pdb_format_compatible           Y 
_pdbx_database_status.status_code_nmr_data            ? 
_pdbx_database_status.methods_development_category    ? 
# 
loop_
_audit_author.name 
_audit_author.pdbx_ordinal 
'Bagu, J.R.'  1 
'Sykes, B.D.' 2 
# 
loop_
_citation.id 
_citation.title 
_citation.journal_abbrev 
_citation.journal_volume 
_citation.page_first 
_citation.page_last 
_citation.year 
_citation.journal_id_ASTM 
_citation.country 
_citation.journal_id_ISSN 
_citation.journal_id_CSD 
_citation.book_publisher 
_citation.pdbx_database_id_PubMed 
_citation.pdbx_database_id_DOI 
primary 'Comparison of the solution structures of microcystin-LR and motuporin.' Nat.Struct.Biol.       2 114 116 1995 NSBIEW US 
1072-8368 2024 ? 7749913 10.1038/nsb0295-114 
1       
'Inhibitors of Protein Phosphatase-1 and-2A; Two of Major Serine/Threonine Protein Phosphatases Involved in Cellular Regulation' 
Curr.Opin.Struct.Biol. 3 934 ?   1993 COSBEF UK 0959-440X 0801 ? ?       ?                   
# 
loop_
_citation_author.citation_id 
_citation_author.name 
_citation_author.ordinal 
_citation_author.identifier_ORCID 
primary 'Bagu, J.R.'       1 ? 
primary 'Sonnichsen, F.D.' 2 ? 
primary 'Williams, D.'     3 ? 
primary 'Andersen, R.J.'   4 ? 
primary 'Sykes, B.D.'      5 ? 
primary 'Holmes, C.F.'     6 ? 
1       'Holmes, C.F.B.'   7 ? 
1       'Boland, M.P.'     8 ? 
# 
_cell.entry_id           1EVD 
_cell.length_a           1.000 
_cell.length_b           1.000 
_cell.length_c           1.000 
_cell.angle_alpha        90.00 
_cell.angle_beta         90.00 
_cell.angle_gamma        90.00 
_cell.Z_PDB              1 
_cell.pdbx_unique_axis   ? 
# 
_symmetry.entry_id                         1EVD 
_symmetry.space_group_name_H-M             'P 1' 
_symmetry.pdbx_full_space_group_name_H-M   ? 
_symmetry.cell_setting                     ? 
_symmetry.Int_Tables_number                1 
# 
_entity.id                         1 
_entity.type                       polymer 
_entity.src_method                 nat 
_entity.pdbx_description           MOTUPORIN 
_entity.formula_weight             785.922 
_entity.pdbx_number_of_molecules   1 
_entity.pdbx_ec                    ? 
_entity.pdbx_mutation              ? 
_entity.pdbx_fragment              ? 
_entity.details                    ? 
# 
_entity_name_com.entity_id   1 
_entity_name_com.name        NODULARIN-V 
# 
_entity_poly.entity_id                      1 
_entity_poly.type                           'polypeptide(L)' 
_entity_poly.nstd_linkage                   no 
_entity_poly.nstd_monomer                   yes 
_entity_poly.pdbx_seq_one_letter_code       '(ACB)V(1ZN)(FGA)(MDH)' 
_entity_poly.pdbx_seq_one_letter_code_can   DVXEX 
_entity_poly.pdbx_strand_id                 A 
_entity_poly.pdbx_target_identifier         ? 
# 
loop_
_entity_poly_seq.entity_id 
_entity_poly_seq.num 
_entity_poly_seq.mon_id 
_entity_poly_seq.hetero 
1 1 ACB n 
1 2 VAL n 
1 3 1ZN n 
1 4 FGA n 
1 5 MDH n 
# 
_entity_src_nat.entity_id                  1 
_entity_src_nat.pdbx_src_id                1 
_entity_src_nat.pdbx_alt_source_flag       sample 
_entity_src_nat.pdbx_beg_seq_num           ? 
_entity_src_nat.pdbx_end_seq_num           ? 
_entity_src_nat.common_name                ? 
_entity_src_nat.pdbx_organism_scientific   unidentified 
_entity_src_nat.pdbx_ncbi_taxonomy_id      32644 
_entity_src_nat.genus                      ? 
_entity_src_nat.species                    ? 
_entity_src_nat.strain                     ? 
_entity_src_nat.tissue                     ? 
_entity_src_nat.tissue_fraction            ? 
_entity_src_nat.pdbx_secretion             ? 
_entity_src_nat.pdbx_fragment              ? 
_entity_src_nat.pdbx_variant               ? 
_entity_src_nat.pdbx_cell_line             ? 
_entity_src_nat.pdbx_atcc                  ? 
_entity_src_nat.pdbx_cellular_location     ? 
_entity_src_nat.pdbx_organ                 ? 
_entity_src_nat.pdbx_organelle             ? 
_entity_src_nat.pdbx_cell                  ? 
_entity_src_nat.pdbx_plasmid_name          ? 
_entity_src_nat.pdbx_plasmid_details       ? 
_entity_src_nat.details                    'ISOLATED FROM MARINE SPONGE' 
# 
_struct_ref.id                         1 
_struct_ref.db_name                    NOR 
_struct_ref.db_code                    NOR00825 
_struct_ref.pdbx_db_accession          NOR00825 
_struct_ref.entity_id                  1 
_struct_ref.pdbx_align_begin           1 
_struct_ref.pdbx_seq_one_letter_code   '(ACB)V(1ZN)(FGA)(MDH)' 
_struct_ref.pdbx_db_isoform            ? 
# 
_struct_ref_seq.align_id                      1 
_struct_ref_seq.ref_id                        1 
_struct_ref_seq.pdbx_PDB_id_code              1EVD 
_struct_ref_seq.pdbx_strand_id                A 
_struct_ref_seq.seq_align_beg                 1 
_struct_ref_seq.pdbx_seq_align_beg_ins_code   ? 
_struct_ref_seq.seq_align_end                 5 
_struct_ref_seq.pdbx_seq_align_end_ins_code   ? 
_struct_ref_seq.pdbx_db_accession             NOR00825 
_struct_ref_seq.db_align_beg                  1 
_struct_ref_seq.pdbx_db_align_beg_ins_code    ? 
_struct_ref_seq.db_align_end                  5 
_struct_ref_seq.pdbx_db_align_end_ins_code    ? 
_struct_ref_seq.pdbx_auth_seq_align_beg       1 
_struct_ref_seq.pdbx_auth_seq_align_end       5 
# 
loop_
_chem_comp.id 
_chem_comp.type 
_chem_comp.mon_nstd_flag 
_chem_comp.name 
_chem_comp.pdbx_synonyms 
_chem_comp.formula 
_chem_comp.formula_weight 
1ZN peptide-like                       . '(2S,3S,4E,6E,8S,9S)-3-amino-9-methoxy-2,6,8-trimethyl-10-phenyldeca-4,6-dienoic acid' ? 
'C20 H29 N O3' 331.449 
ACB 'D-beta-peptide, C-gamma linking'  . '3-METHYL-BETA-D-ASPARTIC ACID'                                                        
'(3S)-3-methyl-D-aspartic acid; D-METHYL ASPARTIC ACID' 'C5 H9 N O4'   147.129 
FGA 'D-gamma-peptide, C-delta linking' . 'GAMMA-D-GLUTAMIC ACID'                                                                
'D-GLUTAMIC ACID'                                       'C5 H9 N O4'   147.129 
MDH 'peptide linking'                  . N-METHYLDEHYDROBUTYRINE                                                                ? 
'C5 H9 N O2'   115.130 
VAL 'L-peptide linking'                y VALINE                                                                                 ? 
'C5 H11 N O2'  117.146 
# 
_pdbx_nmr_exptl_sample_conditions.conditions_id       1 
_pdbx_nmr_exptl_sample_conditions.temperature         278 
_pdbx_nmr_exptl_sample_conditions.pressure            ? 
_pdbx_nmr_exptl_sample_conditions.pH                  7 
_pdbx_nmr_exptl_sample_conditions.ionic_strength      ? 
_pdbx_nmr_exptl_sample_conditions.pressure_units      . 
_pdbx_nmr_exptl_sample_conditions.temperature_units   K 
# 
_pdbx_nmr_ensemble.entry_id                                      1EVD 
_pdbx_nmr_ensemble.conformers_calculated_total_number            ? 
_pdbx_nmr_ensemble.conformers_submitted_total_number             1 
_pdbx_nmr_ensemble.conformer_selection_criteria                  ? 
_pdbx_nmr_ensemble.average_constraints_per_residue               ? 
_pdbx_nmr_ensemble.average_constraint_violations_per_residue     ? 
_pdbx_nmr_ensemble.maximum_distance_constraint_violation         ? 
_pdbx_nmr_ensemble.average_distance_constraint_violation         ? 
_pdbx_nmr_ensemble.maximum_upper_distance_constraint_violation   ? 
_pdbx_nmr_ensemble.maximum_lower_distance_constraint_violation   ? 
_pdbx_nmr_ensemble.distance_constraint_violation_method          ? 
_pdbx_nmr_ensemble.maximum_torsion_angle_constraint_violation    ? 
_pdbx_nmr_ensemble.average_torsion_angle_constraint_violation    ? 
_pdbx_nmr_ensemble.torsion_angle_constraint_violation_method     ? 
# 
_pdbx_nmr_software.classification   refinement 
_pdbx_nmr_software.name             DGII 
_pdbx_nmr_software.version          ? 
_pdbx_nmr_software.authors          HAVEL 
_pdbx_nmr_software.ordinal          1 
# 
_exptl.entry_id          1EVD 
_exptl.method            'SOLUTION NMR' 
_exptl.crystals_number   ? 
# 
_struct.entry_id                  1EVD 
_struct.title                     'NMR structure of CYANOBACTERIAL TOXIN, PHOSPHATASE-1/-2A INHIBITOR' 
_struct.pdbx_model_details        ? 
_struct.pdbx_CASP_flag            ? 
_struct.pdbx_model_type_details   ? 
# 
_struct_keywords.entry_id        1EVD 
_struct_keywords.pdbx_keywords   'HYDROLASE INHIBITOR, TOXIN' 
_struct_keywords.text            'CYANOBACTERIAL TOXIN, PHOSPHATASE-1/-2A INHIBITOR, Hydrolase inhibitor, toxin' 
# 
_struct_asym.id                            A 
_struct_asym.pdbx_blank_PDB_chainid_flag   Y 
_struct_asym.pdbx_modified                 N 
_struct_asym.entity_id                     1 
_struct_asym.details                       ? 
# 
_struct_biol.id        1 
_struct_biol.details   ? 
# 
loop_
_struct_conn.id 
_struct_conn.conn_type_id 
_struct_conn.pdbx_leaving_atom_flag 
_struct_conn.pdbx_PDB_id 
_struct_conn.ptnr1_label_asym_id 
_struct_conn.ptnr1_label_comp_id 
_struct_conn.ptnr1_label_seq_id 
_struct_conn.ptnr1_label_atom_id 
_struct_conn.pdbx_ptnr1_label_alt_id 
_struct_conn.pdbx_ptnr1_PDB_ins_code 
_struct_conn.pdbx_ptnr1_standard_comp_id 
_struct_conn.ptnr1_symmetry 
_struct_conn.ptnr2_label_asym_id 
_struct_conn.ptnr2_label_comp_id 
_struct_conn.ptnr2_label_seq_id 
_struct_conn.ptnr2_label_atom_id 
_struct_conn.pdbx_ptnr2_label_alt_id 
_struct_conn.pdbx_ptnr2_PDB_ins_code 
_struct_conn.ptnr1_auth_asym_id 
_struct_conn.ptnr1_auth_comp_id 
_struct_conn.ptnr1_auth_seq_id 
_struct_conn.ptnr2_auth_asym_id 
_struct_conn.ptnr2_auth_comp_id 
_struct_conn.ptnr2_auth_seq_id 
_struct_conn.ptnr2_symmetry 
_struct_conn.pdbx_ptnr3_label_atom_id 
_struct_conn.pdbx_ptnr3_label_seq_id 
_struct_conn.pdbx_ptnr3_label_comp_id 
_struct_conn.pdbx_ptnr3_label_asym_id 
_struct_conn.pdbx_ptnr3_label_alt_id 
_struct_conn.pdbx_ptnr3_PDB_ins_code 
_struct_conn.details 
_struct_conn.pdbx_dist_value 
_struct_conn.pdbx_value_order 
_struct_conn.pdbx_role 
covale1 covale one  ? A ACB 1 C  ? ? ? 1_555 A VAL 2 N ? ? A ACB 1 A VAL 2 1_555 ? ? ? ? ? ? ? 3.958 ? ? 
covale2 covale both ? A VAL 2 C  ? ? ? 1_555 A 1ZN 3 N ? ? A VAL 2 A 1ZN 3 1_555 ? ? ? ? ? ? ? 1.300 ? ? 
covale3 covale both ? A 1ZN 3 C  ? ? ? 1_555 A FGA 4 N ? ? A 1ZN 3 A FGA 4 1_555 ? ? ? ? ? ? ? 1.300 ? ? 
covale4 covale both ? A FGA 4 CD ? ? ? 1_555 A MDH 5 N ? ? A FGA 4 A MDH 5 1_555 ? ? ? ? ? ? ? 1.320 ? ? 
# 
_struct_conn_type.id          covale 
_struct_conn_type.criteria    ? 
_struct_conn_type.reference   ? 
# 
_atom_sites.entry_id                    1EVD 
_atom_sites.fract_transf_matrix[1][1]   1.000000 
_atom_sites.fract_transf_matrix[1][2]   0.000000 
_atom_sites.fract_transf_matrix[1][3]   0.000000 
_atom_sites.fract_transf_matrix[2][1]   0.000000 
_atom_sites.fract_transf_matrix[2][2]   1.000000 
_atom_sites.fract_transf_matrix[2][3]   0.000000 
_atom_sites.fract_transf_matrix[3][1]   0.000000 
_atom_sites.fract_transf_matrix[3][2]   0.000000 
_atom_sites.fract_transf_matrix[3][3]   1.000000 
_atom_sites.fract_transf_vector[1]      0.00000 
_atom_sites.fract_transf_vector[2]      0.00000 
_atom_sites.fract_transf_vector[3]      0.00000 
# 
loop_
_atom_type.symbol 
C 
H 
N 
O 
# 
loop_
_atom_site.group_PDB 
_atom_site.id 
_atom_site.type_symbol 
_atom_site.label_atom_id 
_atom_site.label_alt_id 
_atom_site.label_comp_id 
_atom_site.label_asym_id 
_atom_site.label_entity_id 
_atom_site.label_seq_id 
_atom_site.pdbx_PDB_ins_code 
_atom_site.Cartn_x 
_atom_site.Cartn_y 
_atom_site.Cartn_z 
_atom_site.occupancy 
_atom_site.B_iso_or_equiv 
_atom_site.pdbx_formal_charge 
_atom_site.auth_seq_id 
_atom_site.auth_comp_id 
_atom_site.auth_asym_id 
_atom_site.auth_atom_id 
_atom_site.pdbx_PDB_model_num 
HETATM 1   C C    . ACB A 1 1 ? -0.489 -2.435  2.027  1.00 0.00 ? 1 ACB A C    1 
HETATM 2   O O    . ACB A 1 1 ? 0.581  -2.346  1.416  1.00 0.00 ? 1 ACB A O    1 
HETATM 3   O OXT  . ACB A 1 1 ? -1.038 -3.538  2.158  1.00 0.00 ? 1 ACB A OXT  1 
HETATM 4   C CA   . ACB A 1 1 ? -1.170 -1.178  2.619  1.00 0.00 ? 1 ACB A CA   1 
HETATM 5   N N    . ACB A 1 1 ? -2.045 -0.655  1.573  1.00 0.00 ? 1 ACB A N    1 
HETATM 6   C CB   . ACB A 1 1 ? -0.212 -0.158  3.160  1.00 0.00 ? 1 ACB A CB   1 
HETATM 7   C CG   . ACB A 1 1 ? 0.670  0.682   2.249  1.00 0.00 ? 1 ACB A CG   1 
HETATM 8   C C4   . ACB A 1 1 ? -0.895 0.825   4.030  1.00 0.00 ? 1 ACB A C4   1 
HETATM 9   O OD2  . ACB A 1 1 ? 0.091  1.395   1.417  1.00 0.00 ? 1 ACB A OD2  1 
HETATM 10  H HA   . ACB A 1 1 ? -1.759 -1.555  3.446  1.00 0.00 ? 1 ACB A HA   1 
HETATM 11  H H    . ACB A 1 1 ? -1.657 -0.140  0.707  1.00 0.00 ? 1 ACB A H    1 
HETATM 12  H HB3  . ACB A 1 1 ? 0.483  -0.687  3.779  1.00 0.00 ? 1 ACB A HB3  1 
HETATM 13  H H41  . ACB A 1 1 ? -1.393 0.343   4.858  1.00 0.00 ? 1 ACB A H41  1 
HETATM 14  H H42  . ACB A 1 1 ? -0.196 1.532   4.436  1.00 0.00 ? 1 ACB A H42  1 
HETATM 15  H H43  . ACB A 1 1 ? -1.639 1.381   3.502  1.00 0.00 ? 1 ACB A H43  1 
ATOM   16  N N    . VAL A 1 2 ? 1.989  0.643   2.249  1.00 0.00 ? 2 VAL A N    1 
ATOM   17  C CA   . VAL A 1 2 ? 2.888  1.338   1.326  1.00 0.00 ? 2 VAL A CA   1 
ATOM   18  C C    . VAL A 1 2 ? 3.369  0.379   0.250  1.00 0.00 ? 2 VAL A C    1 
ATOM   19  O O    . VAL A 1 2 ? 4.548  0.435   -0.129 1.00 0.00 ? 2 VAL A O    1 
ATOM   20  C CB   . VAL A 1 2 ? 3.885  2.346   2.038  1.00 0.00 ? 2 VAL A CB   1 
ATOM   21  C CG1  . VAL A 1 2 ? 4.037  2.254   3.533  1.00 0.00 ? 2 VAL A CG1  1 
ATOM   22  C CG2  . VAL A 1 2 ? 5.329  2.427   1.600  1.00 0.00 ? 2 VAL A CG2  1 
ATOM   23  H H    . VAL A 1 2 ? 2.353  0.019   3.052  1.00 0.00 ? 2 VAL A H    1 
ATOM   24  H HA   . VAL A 1 2 ? 2.318  2.068   0.762  1.00 0.00 ? 2 VAL A HA   1 
ATOM   25  H HB   . VAL A 1 2 ? 3.504  3.354   1.865  1.00 0.00 ? 2 VAL A HB   1 
ATOM   26  H HG11 . VAL A 1 2 ? 3.052  2.390   3.970  1.00 0.00 ? 2 VAL A HG11 1 
ATOM   27  H HG12 . VAL A 1 2 ? 4.411  1.256   3.779  1.00 0.00 ? 2 VAL A HG12 1 
ATOM   28  H HG13 . VAL A 1 2 ? 4.723  3.015   3.948  1.00 0.00 ? 2 VAL A HG13 1 
ATOM   29  H HG21 . VAL A 1 2 ? 5.356  2.646   0.538  1.00 0.00 ? 2 VAL A HG21 1 
ATOM   30  H HG22 . VAL A 1 2 ? 5.914  3.198   2.133  1.00 0.00 ? 2 VAL A HG22 1 
ATOM   31  H HG23 . VAL A 1 2 ? 5.803  1.457   1.782  1.00 0.00 ? 2 VAL A HG23 1 
HETATM 32  C C1   . 1ZN A 1 3 ? 7.066  -8.979  -0.359 1.00 0.00 ? 3 1ZN A C1   1 
HETATM 33  O O1   . 1ZN A 1 3 ? 6.565  -8.090  -1.315 1.00 0.00 ? 3 1ZN A O1   1 
HETATM 34  C C2   . 1ZN A 1 3 ? 5.201  -7.863  -1.204 1.00 0.00 ? 3 1ZN A C2   1 
HETATM 35  C C3   . 1ZN A 1 3 ? 4.332  -9.112  -1.091 1.00 0.00 ? 3 1ZN A C3   1 
HETATM 36  C C4   . 1ZN A 1 3 ? 4.786  -10.483 -1.562 1.00 0.00 ? 3 1ZN A C4   1 
HETATM 37  C C5   . 1ZN A 1 3 ? 5.466  -10.691 -2.769 1.00 0.00 ? 3 1ZN A C5   1 
HETATM 38  C C6   . 1ZN A 1 3 ? 6.078  -11.918 -3.025 1.00 0.00 ? 3 1ZN A C6   1 
HETATM 39  C C7   . 1ZN A 1 3 ? 5.982  -12.954 -2.096 1.00 0.00 ? 3 1ZN A C7   1 
HETATM 40  C C8   . 1ZN A 1 3 ? 5.255  -12.778 -0.925 1.00 0.00 ? 3 1ZN A C8   1 
HETATM 41  C C9   . 1ZN A 1 3 ? 4.647  -11.556 -0.666 1.00 0.00 ? 3 1ZN A C9   1 
HETATM 42  C C10  . 1ZN A 1 3 ? 4.911  -6.921  -0.067 1.00 0.00 ? 3 1ZN A C10  1 
HETATM 43  C C11  . 1ZN A 1 3 ? 5.619  -7.057  1.241  1.00 0.00 ? 3 1ZN A C11  1 
HETATM 44  C C12  . 1ZN A 1 3 ? 4.951  -5.497  -0.493 1.00 0.00 ? 3 1ZN A C12  1 
HETATM 45  C C13  . 1ZN A 1 3 ? 3.977  -4.670  -0.152 1.00 0.00 ? 3 1ZN A C13  1 
HETATM 46  C C14  . 1ZN A 1 3 ? 2.897  -5.173  0.760  1.00 0.00 ? 3 1ZN A C14  1 
HETATM 47  C C15  . 1ZN A 1 3 ? 3.971  -3.465  -0.696 1.00 0.00 ? 3 1ZN A C15  1 
HETATM 48  C C16  . 1ZN A 1 3 ? 2.822  -2.811  -0.839 1.00 0.00 ? 3 1ZN A C16  1 
HETATM 49  C CA   . 1ZN A 1 3 ? 2.828  -1.430  -1.275 1.00 0.00 ? 3 1ZN A CA   1 
HETATM 50  N N    . 1ZN A 1 3 ? 2.504  -0.465  -0.228 1.00 0.00 ? 3 1ZN A N    1 
HETATM 51  C C18  . 1ZN A 1 3 ? 1.961  -1.164  -2.497 1.00 0.00 ? 3 1ZN A C18  1 
HETATM 52  C C19  . 1ZN A 1 3 ? 2.473  -1.708  -3.786 1.00 0.00 ? 3 1ZN A C19  1 
HETATM 53  C C    . 1ZN A 1 3 ? 1.717  0.322   -2.569 1.00 0.00 ? 3 1ZN A C    1 
HETATM 54  O O    . 1ZN A 1 3 ? 2.545  1.204   -2.301 1.00 0.00 ? 3 1ZN A O    1 
HETATM 55  H H1   . 1ZN A 1 3 ? 7.705  -8.443  0.301  1.00 0.00 ? 3 1ZN A H1   1 
HETATM 56  H H29  . 1ZN A 1 3 ? 7.463  -9.817  -0.873 1.00 0.00 ? 3 1ZN A H29  1 
HETATM 57  H H3   . 1ZN A 1 3 ? 6.301  -9.419  0.290  1.00 0.00 ? 3 1ZN A H3   1 
HETATM 58  H H4   . 1ZN A 1 3 ? 4.900  -7.387  -2.117 1.00 0.00 ? 3 1ZN A H4   1 
HETATM 59  H H5   . 1ZN A 1 3 ? 4.169  -9.195  -0.017 1.00 0.00 ? 3 1ZN A H5   1 
HETATM 60  H H6   . 1ZN A 1 3 ? 3.385  -8.824  -1.477 1.00 0.00 ? 3 1ZN A H6   1 
HETATM 61  H H7   . 1ZN A 1 3 ? 5.596  -9.880  -3.471 1.00 0.00 ? 3 1ZN A H7   1 
HETATM 62  H H8   . 1ZN A 1 3 ? 6.660  -12.056 -3.923 1.00 0.00 ? 3 1ZN A H8   1 
HETATM 63  H H9   . 1ZN A 1 3 ? 6.492  -13.890 -2.270 1.00 0.00 ? 3 1ZN A H9   1 
HETATM 64  H H10  . 1ZN A 1 3 ? 5.188  -13.572 -0.196 1.00 0.00 ? 3 1ZN A H10  1 
HETATM 65  H H11  . 1ZN A 1 3 ? 4.125  -11.429 0.273  1.00 0.00 ? 3 1ZN A H11  1 
HETATM 66  H H12  . 1ZN A 1 3 ? 3.906  -7.219  0.220  1.00 0.00 ? 3 1ZN A H12  1 
HETATM 67  H H13  . 1ZN A 1 3 ? 5.537  -8.090  1.611  1.00 0.00 ? 3 1ZN A H13  1 
HETATM 68  H H14  . 1ZN A 1 3 ? 5.194  -6.392  1.978  1.00 0.00 ? 3 1ZN A H14  1 
HETATM 69  H H15  . 1ZN A 1 3 ? 6.653  -6.764  1.085  1.00 0.00 ? 3 1ZN A H15  1 
HETATM 70  H H16  . 1ZN A 1 3 ? 5.768  -5.172  -1.115 1.00 0.00 ? 3 1ZN A H16  1 
HETATM 71  H H17  . 1ZN A 1 3 ? 2.257  -5.822  0.159  1.00 0.00 ? 3 1ZN A H17  1 
HETATM 72  H H18  . 1ZN A 1 3 ? 3.301  -5.786  1.570  1.00 0.00 ? 3 1ZN A H18  1 
HETATM 73  H H19  . 1ZN A 1 3 ? 2.372  -4.350  1.213  1.00 0.00 ? 3 1ZN A H19  1 
HETATM 74  H H20  . 1ZN A 1 3 ? 4.900  -3.012  -1.060 1.00 0.00 ? 3 1ZN A H20  1 
HETATM 75  H H21  . 1ZN A 1 3 ? 1.846  -3.257  -0.637 1.00 0.00 ? 3 1ZN A H21  1 
HETATM 76  H HA   . 1ZN A 1 3 ? 3.838  -1.163  -1.578 1.00 0.00 ? 3 1ZN A HA   1 
HETATM 77  H H    . 1ZN A 1 3 ? 1.504  -0.388  0.174  1.00 0.00 ? 3 1ZN A H    1 
HETATM 78  H H25  . 1ZN A 1 3 ? 1.030  -1.700  -2.336 1.00 0.00 ? 3 1ZN A H25  1 
HETATM 79  H H26  . 1ZN A 1 3 ? 1.752  -1.584  -4.578 1.00 0.00 ? 3 1ZN A H26  1 
HETATM 80  H H27  . 1ZN A 1 3 ? 2.678  -2.761  -3.694 1.00 0.00 ? 3 1ZN A H27  1 
HETATM 81  H H28  . 1ZN A 1 3 ? 3.383  -1.221  -4.111 1.00 0.00 ? 3 1ZN A H28  1 
HETATM 82  N N    . FGA A 1 4 ? 0.545  0.578   -3.071 1.00 0.00 ? 4 FGA A N    1 
HETATM 83  C CA   . FGA A 1 4 ? 0.043  1.923   -3.332 1.00 0.00 ? 4 FGA A CA   1 
HETATM 84  C C    . FGA A 1 4 ? -0.311 2.038   -4.839 1.00 0.00 ? 4 FGA A C    1 
HETATM 85  O O    . FGA A 1 4 ? -1.476 2.264   -5.214 1.00 0.00 ? 4 FGA A O    1 
HETATM 86  C CB   . FGA A 1 4 ? -1.089 2.249   -2.403 1.00 0.00 ? 4 FGA A CB   1 
HETATM 87  C CG   . FGA A 1 4 ? -2.322 1.349   -2.309 1.00 0.00 ? 4 FGA A CG   1 
HETATM 88  C CD   . FGA A 1 4 ? -2.995 0.557   -1.187 1.00 0.00 ? 4 FGA A CD   1 
HETATM 89  O OE1  . FGA A 1 4 ? -2.016 -0.147  -0.898 1.00 0.00 ? 4 FGA A OE1  1 
HETATM 90  H H    . FGA A 1 4 ? -0.042 -0.300  -3.300 1.00 0.00 ? 4 FGA A H    1 
HETATM 91  H HA   . FGA A 1 4 ? 0.803  2.674   -3.173 1.00 0.00 ? 4 FGA A HA   1 
HETATM 92  H HB2  . FGA A 1 4 ? -0.588 2.555   -1.469 1.00 0.00 ? 4 FGA A HB2  1 
HETATM 93  H HB3  . FGA A 1 4 ? -1.385 3.283   -2.705 1.00 0.00 ? 4 FGA A HB3  1 
HETATM 94  H HG2  . FGA A 1 4 ? -3.219 1.894   -2.628 1.00 0.00 ? 4 FGA A HG2  1 
HETATM 95  H HG3  . FGA A 1 4 ? -2.502 0.608   -3.107 1.00 0.00 ? 4 FGA A HG3  1 
HETATM 96  N N    . MDH A 1 5 ? -3.971 0.105   -0.422 1.00 0.00 ? 5 MDH A N    1 
HETATM 97  C CM   . MDH A 1 5 ? -4.847 1.350   -0.484 1.00 0.00 ? 5 MDH A CM   1 
HETATM 98  C CA   . MDH A 1 5 ? -4.589 -0.653  0.662  1.00 0.00 ? 5 MDH A CA   1 
HETATM 99  C C    . MDH A 1 5 ? -3.357 -0.791  1.558  1.00 0.00 ? 5 MDH A C    1 
HETATM 100 O O    . MDH A 1 5 ? -3.959 -1.391  2.462  1.00 0.00 ? 5 MDH A O    1 
HETATM 101 C CB   . MDH A 1 5 ? -5.908 -1.072  0.600  1.00 0.00 ? 5 MDH A CB   1 
HETATM 102 C CG   . MDH A 1 5 ? -6.978 -0.763  -0.442 1.00 0.00 ? 5 MDH A CG   1 
HETATM 103 H HM1  . MDH A 1 5 ? -4.338 2.320   -0.372 1.00 0.00 ? 5 MDH A HM1  1 
HETATM 104 H HM2  . MDH A 1 5 ? -5.340 1.358   -1.476 1.00 0.00 ? 5 MDH A HM2  1 
HETATM 105 H HM3  . MDH A 1 5 ? -5.631 1.445   0.273  1.00 0.00 ? 5 MDH A HM3  1 
HETATM 106 H HB   . MDH A 1 5 ? -6.320 -1.680  1.401  1.00 0.00 ? 5 MDH A HB   1 
HETATM 107 H HG1  . MDH A 1 5 ? -7.144 0.315   -0.609 1.00 0.00 ? 5 MDH A HG1  1 
HETATM 108 H HG2  . MDH A 1 5 ? -7.962 -1.114  -0.122 1.00 0.00 ? 5 MDH A HG2  1 
HETATM 109 H HG3  . MDH A 1 5 ? -6.719 -1.178  -1.426 1.00 0.00 ? 5 MDH A HG3  1 
# 
loop_
_pdbx_poly_seq_scheme.asym_id 
_pdbx_poly_seq_scheme.entity_id 
_pdbx_poly_seq_scheme.seq_id 
_pdbx_poly_seq_scheme.mon_id 
_pdbx_poly_seq_scheme.ndb_seq_num 
_pdbx_poly_seq_scheme.pdb_seq_num 
_pdbx_poly_seq_scheme.auth_seq_num 
_pdbx_poly_seq_scheme.pdb_mon_id 
_pdbx_poly_seq_scheme.auth_mon_id 
_pdbx_poly_seq_scheme.pdb_strand_id 
_pdbx_poly_seq_scheme.pdb_ins_code 
_pdbx_poly_seq_scheme.hetero 
A 1 1 ACB 1 1 1 ACB ACB A . n 
A 1 2 VAL 2 2 2 VAL VAL A . n 
A 1 3 1ZN 3 3 3 1ZN 1ZN A . n 
A 1 4 FGA 4 4 4 FGA FGA A . n 
A 1 5 MDH 5 5 5 MDH MDH A . n 
# 
_pdbx_molecule_features.prd_id    PRD_000213 
_pdbx_molecule_features.name      motuporin 
_pdbx_molecule_features.type      'Cyclic peptide' 
_pdbx_molecule_features.class     Toxin 
_pdbx_molecule_features.details   ? 
# 
_pdbx_molecule.instance_id   1 
_pdbx_molecule.prd_id        PRD_000213 
_pdbx_molecule.asym_id       A 
# 
_pdbx_struct_assembly.id                   1 
_pdbx_struct_assembly.details              author_defined_assembly 
_pdbx_struct_assembly.method_details       ? 
_pdbx_struct_assembly.oligomeric_details   monomeric 
_pdbx_struct_assembly.oligomeric_count     1 
# 
_pdbx_struct_assembly_gen.assembly_id       1 
_pdbx_struct_assembly_gen.oper_expression   1 
_pdbx_struct_assembly_gen.asym_id_list      A 
# 
_pdbx_struct_oper_list.id                   1 
_pdbx_struct_oper_list.type                 'identity operation' 
_pdbx_struct_oper_list.name                 1_555 
_pdbx_struct_oper_list.symmetry_operation   x,y,z 
_pdbx_struct_oper_list.matrix[1][1]         1.0000000000 
_pdbx_struct_oper_list.matrix[1][2]         0.0000000000 
_pdbx_struct_oper_list.matrix[1][3]         0.0000000000 
_pdbx_struct_oper_list.vector[1]            0.0000000000 
_pdbx_struct_oper_list.matrix[2][1]         0.0000000000 
_pdbx_struct_oper_list.matrix[2][2]         1.0000000000 
_pdbx_struct_oper_list.matrix[2][3]         0.0000000000 
_pdbx_struct_oper_list.vector[2]            0.0000000000 
_pdbx_struct_oper_list.matrix[3][1]         0.0000000000 
_pdbx_struct_oper_list.matrix[3][2]         0.0000000000 
_pdbx_struct_oper_list.matrix[3][3]         1.0000000000 
_pdbx_struct_oper_list.vector[3]            0.0000000000 
# 
loop_
_pdbx_audit_revision_history.ordinal 
_pdbx_audit_revision_history.data_content_type 
_pdbx_audit_revision_history.major_revision 
_pdbx_audit_revision_history.minor_revision 
_pdbx_audit_revision_history.revision_date 
1 'Structure model' 1 0 1996-11-08 
2 'Structure model' 1 1 2008-03-24 
3 'Structure model' 1 2 2011-07-13 
4 'Structure model' 1 3 2012-12-12 
5 'Structure model' 2 0 2023-11-15 
# 
_pdbx_audit_revision_details.ordinal             1 
_pdbx_audit_revision_details.revision_ordinal    1 
_pdbx_audit_revision_details.data_content_type   'Structure model' 
_pdbx_audit_revision_details.provider            repository 
_pdbx_audit_revision_details.type                'Initial release' 
_pdbx_audit_revision_details.description         ? 
_pdbx_audit_revision_details.details             ? 
# 
loop_
_pdbx_audit_revision_group.ordinal 
_pdbx_audit_revision_group.revision_ordinal 
_pdbx_audit_revision_group.data_content_type 
_pdbx_audit_revision_group.group 
1  2 'Structure model' 'Version format compliance' 
2  3 'Structure model' 'Database references'       
3  3 'Structure model' 'Derived calculations'      
4  3 'Structure model' 'Non-polymer description'   
5  3 'Structure model' 'Version format compliance' 
6  4 'Structure model' Other                       
7  5 'Structure model' Advisory                    
8  5 'Structure model' 'Atomic model'              
9  5 'Structure model' 'Data collection'           
10 5 'Structure model' 'Database references'       
11 5 'Structure model' 'Derived calculations'      
12 5 'Structure model' Other                       
# 
loop_
_pdbx_audit_revision_category.ordinal 
_pdbx_audit_revision_category.revision_ordinal 
_pdbx_audit_revision_category.data_content_type 
_pdbx_audit_revision_category.category 
1 5 'Structure model' atom_site                      
2 5 'Structure model' chem_comp_atom                 
3 5 'Structure model' chem_comp_bond                 
4 5 'Structure model' database_2                     
5 5 'Structure model' pdbx_database_status           
6 5 'Structure model' pdbx_validate_main_chain_plane 
7 5 'Structure model' pdbx_validate_polymer_linkage  
8 5 'Structure model' pdbx_validate_rmsd_angle       
9 5 'Structure model' struct_conn                    
# 
loop_
_pdbx_audit_revision_item.ordinal 
_pdbx_audit_revision_item.revision_ordinal 
_pdbx_audit_revision_item.data_content_type 
_pdbx_audit_revision_item.item 
1  5 'Structure model' '_atom_site.Cartn_x'                  
2  5 'Structure model' '_atom_site.Cartn_y'                  
3  5 'Structure model' '_atom_site.Cartn_z'                  
4  5 'Structure model' '_atom_site.auth_atom_id'             
5  5 'Structure model' '_atom_site.label_atom_id'            
6  5 'Structure model' '_database_2.pdbx_DOI'                
7  5 'Structure model' '_database_2.pdbx_database_accession' 
8  5 'Structure model' '_pdbx_database_status.process_site'  
9  5 'Structure model' '_struct_conn.pdbx_dist_value'        
10 5 'Structure model' '_struct_conn.pdbx_leaving_atom_flag' 
11 5 'Structure model' '_struct_conn.ptnr1_auth_comp_id'     
12 5 'Structure model' '_struct_conn.ptnr1_auth_seq_id'      
13 5 'Structure model' '_struct_conn.ptnr1_label_atom_id'    
14 5 'Structure model' '_struct_conn.ptnr1_label_comp_id'    
15 5 'Structure model' '_struct_conn.ptnr1_label_seq_id'     
16 5 'Structure model' '_struct_conn.ptnr2_auth_comp_id'     
17 5 'Structure model' '_struct_conn.ptnr2_auth_seq_id'      
18 5 'Structure model' '_struct_conn.ptnr2_label_atom_id'    
19 5 'Structure model' '_struct_conn.ptnr2_label_comp_id'    
20 5 'Structure model' '_struct_conn.ptnr2_label_seq_id'     
# 
loop_
_pdbx_validate_close_contact.id 
_pdbx_validate_close_contact.PDB_model_num 
_pdbx_validate_close_contact.auth_atom_id_1 
_pdbx_validate_close_contact.auth_asym_id_1 
_pdbx_validate_close_contact.auth_comp_id_1 
_pdbx_validate_close_contact.auth_seq_id_1 
_pdbx_validate_close_contact.PDB_ins_code_1 
_pdbx_validate_close_contact.label_alt_id_1 
_pdbx_validate_close_contact.auth_atom_id_2 
_pdbx_validate_close_contact.auth_asym_id_2 
_pdbx_validate_close_contact.auth_comp_id_2 
_pdbx_validate_close_contact.auth_seq_id_2 
_pdbx_validate_close_contact.PDB_ins_code_2 
_pdbx_validate_close_contact.label_alt_id_2 
_pdbx_validate_close_contact.dist 
1 1 CG A ACB 1 ? ? N A VAL 2 ? ? 1.32 
2 1 N  A ACB 1 ? ? C A MDH 5 ? ? 1.32 
# 
loop_
_pdbx_validate_rmsd_angle.id 
_pdbx_validate_rmsd_angle.PDB_model_num 
_pdbx_validate_rmsd_angle.auth_atom_id_1 
_pdbx_validate_rmsd_angle.auth_asym_id_1 
_pdbx_validate_rmsd_angle.auth_comp_id_1 
_pdbx_validate_rmsd_angle.auth_seq_id_1 
_pdbx_validate_rmsd_angle.PDB_ins_code_1 
_pdbx_validate_rmsd_angle.label_alt_id_1 
_pdbx_validate_rmsd_angle.auth_atom_id_2 
_pdbx_validate_rmsd_angle.auth_asym_id_2 
_pdbx_validate_rmsd_angle.auth_comp_id_2 
_pdbx_validate_rmsd_angle.auth_seq_id_2 
_pdbx_validate_rmsd_angle.PDB_ins_code_2 
_pdbx_validate_rmsd_angle.label_alt_id_2 
_pdbx_validate_rmsd_angle.auth_atom_id_3 
_pdbx_validate_rmsd_angle.auth_asym_id_3 
_pdbx_validate_rmsd_angle.auth_comp_id_3 
_pdbx_validate_rmsd_angle.auth_seq_id_3 
_pdbx_validate_rmsd_angle.PDB_ins_code_3 
_pdbx_validate_rmsd_angle.label_alt_id_3 
_pdbx_validate_rmsd_angle.angle_value 
_pdbx_validate_rmsd_angle.angle_target_value 
_pdbx_validate_rmsd_angle.angle_deviation 
_pdbx_validate_rmsd_angle.angle_standard_deviation 
_pdbx_validate_rmsd_angle.linker_flag 
1 1 CG1 A VAL 2 ? ? CB A VAL 2 ? ? CG2 A VAL 2 ? ? 101.25 110.90 -9.65 1.60 N 
2 1 CA  A VAL 2 ? ? CB A VAL 2 ? ? CG2 A VAL 2 ? ? 120.31 110.90 9.41  1.50 N 
3 1 CA  A 1ZN 3 ? ? C  A 1ZN 3 ? ? N   A FGA 4 ? ? 138.98 117.20 21.78 2.20 Y 
# 
_pdbx_validate_main_chain_plane.id                       1 
_pdbx_validate_main_chain_plane.PDB_model_num            1 
_pdbx_validate_main_chain_plane.auth_comp_id             1ZN 
_pdbx_validate_main_chain_plane.auth_asym_id             A 
_pdbx_validate_main_chain_plane.auth_seq_id              3 
_pdbx_validate_main_chain_plane.PDB_ins_code             ? 
_pdbx_validate_main_chain_plane.label_alt_id             ? 
_pdbx_validate_main_chain_plane.improper_torsion_angle   -13.40 
# 
_pdbx_unobs_or_zero_occ_atoms.id               1 
_pdbx_unobs_or_zero_occ_atoms.PDB_model_num    1 
_pdbx_unobs_or_zero_occ_atoms.polymer_flag     Y 
_pdbx_unobs_or_zero_occ_atoms.occupancy_flag   1 
_pdbx_unobs_or_zero_occ_atoms.auth_asym_id     A 
_pdbx_unobs_or_zero_occ_atoms.auth_comp_id     ACB 
_pdbx_unobs_or_zero_occ_atoms.auth_seq_id      1 
_pdbx_unobs_or_zero_occ_atoms.PDB_ins_code     ? 
_pdbx_unobs_or_zero_occ_atoms.auth_atom_id     OD1 
_pdbx_unobs_or_zero_occ_atoms.label_alt_id     ? 
_pdbx_unobs_or_zero_occ_atoms.label_asym_id    A 
_pdbx_unobs_or_zero_occ_atoms.label_comp_id    ACB 
_pdbx_unobs_or_zero_occ_atoms.label_seq_id     1 
_pdbx_unobs_or_zero_occ_atoms.label_atom_id    OD1 
# 
loop_
_chem_comp_atom.comp_id 
_chem_comp_atom.atom_id 
_chem_comp_atom.type_symbol 
_chem_comp_atom.pdbx_aromatic_flag 
_chem_comp_atom.pdbx_stereo_config 
_chem_comp_atom.pdbx_ordinal 
1ZN C1   C N N 1   
1ZN O1   O N N 2   
1ZN C2   C N S 3   
1ZN C3   C N N 4   
1ZN C4   C Y N 5   
1ZN C5   C Y N 6   
1ZN C6   C Y N 7   
1ZN C7   C Y N 8   
1ZN C8   C Y N 9   
1ZN C9   C Y N 10  
1ZN C10  C N S 11  
1ZN C11  C N N 12  
1ZN C12  C N N 13  
1ZN C13  C N N 14  
1ZN C14  C N N 15  
1ZN C15  C N N 16  
1ZN C16  C N N 17  
1ZN CA   C N S 18  
1ZN N    N N N 19  
1ZN C18  C N S 20  
1ZN C19  C N N 21  
1ZN C    C N N 22  
1ZN OXT  O N N 23  
1ZN O    O N N 24  
1ZN H1   H N N 25  
1ZN H29  H N N 26  
1ZN H3   H N N 27  
1ZN H4   H N N 28  
1ZN H5   H N N 29  
1ZN H6   H N N 30  
1ZN H7   H N N 31  
1ZN H8   H N N 32  
1ZN H9   H N N 33  
1ZN H10  H N N 34  
1ZN H11  H N N 35  
1ZN H12  H N N 36  
1ZN H13  H N N 37  
1ZN H14  H N N 38  
1ZN H15  H N N 39  
1ZN H16  H N N 40  
1ZN H17  H N N 41  
1ZN H18  H N N 42  
1ZN H19  H N N 43  
1ZN H20  H N N 44  
1ZN H21  H N N 45  
1ZN HA   H N N 46  
1ZN H    H N N 47  
1ZN H2   H N N 48  
1ZN H25  H N N 49  
1ZN H26  H N N 50  
1ZN H27  H N N 51  
1ZN H28  H N N 52  
1ZN HXT  H N N 53  
ACB C    C N N 54  
ACB O    O N N 55  
ACB OXT  O N N 56  
ACB CA   C N R 57  
ACB N    N N N 58  
ACB CB   C N S 59  
ACB CG   C N N 60  
ACB OD1  O N N 61  
ACB C4   C N N 62  
ACB OD2  O N N 63  
ACB HXT  H N N 64  
ACB HA   H N N 65  
ACB H    H N N 66  
ACB H2   H N N 67  
ACB HB3  H N N 68  
ACB H41  H N N 69  
ACB H42  H N N 70  
ACB H43  H N N 71  
ACB HD2  H N N 72  
FGA N    N N N 73  
FGA CA   C N R 74  
FGA C    C N N 75  
FGA O    O N N 76  
FGA CB   C N N 77  
FGA CG   C N N 78  
FGA CD   C N N 79  
FGA OE1  O N N 80  
FGA OE2  O N N 81  
FGA OXT  O N N 82  
FGA H    H N N 83  
FGA H2   H N N 84  
FGA HA   H N N 85  
FGA HB2  H N N 86  
FGA HB3  H N N 87  
FGA HG2  H N N 88  
FGA HG3  H N N 89  
FGA HE2  H N N 90  
FGA HXT  H N N 91  
MDH N    N N N 92  
MDH CM   C N N 93  
MDH CA   C N N 94  
MDH C    C N N 95  
MDH O    O N N 96  
MDH OXT  O N N 97  
MDH CB   C N N 98  
MDH CG   C N N 99  
MDH H    H N N 100 
MDH HM1  H N N 101 
MDH HM2  H N N 102 
MDH HM3  H N N 103 
MDH HXT  H N N 104 
MDH HB   H N N 105 
MDH HG1  H N N 106 
MDH HG2  H N N 107 
MDH HG3  H N N 108 
VAL N    N N N 109 
VAL CA   C N S 110 
VAL C    C N N 111 
VAL O    O N N 112 
VAL CB   C N N 113 
VAL CG1  C N N 114 
VAL CG2  C N N 115 
VAL OXT  O N N 116 
VAL H    H N N 117 
VAL H2   H N N 118 
VAL HA   H N N 119 
VAL HB   H N N 120 
VAL HG11 H N N 121 
VAL HG12 H N N 122 
VAL HG13 H N N 123 
VAL HG21 H N N 124 
VAL HG22 H N N 125 
VAL HG23 H N N 126 
VAL HXT  H N N 127 
# 
loop_
_chem_comp_bond.comp_id 
_chem_comp_bond.atom_id_1 
_chem_comp_bond.atom_id_2 
_chem_comp_bond.value_order 
_chem_comp_bond.pdbx_aromatic_flag 
_chem_comp_bond.pdbx_stereo_config 
_chem_comp_bond.pdbx_ordinal 
1ZN C1  O1   sing N N 1   
1ZN O1  C2   sing N N 2   
1ZN C2  C3   sing N N 3   
1ZN C3  C4   sing N N 4   
1ZN C4  C5   doub Y N 5   
1ZN C5  C6   sing Y N 6   
1ZN C6  C7   doub Y N 7   
1ZN C7  C8   sing Y N 8   
1ZN C8  C9   doub Y N 9   
1ZN C4  C9   sing Y N 10  
1ZN C2  C10  sing N N 11  
1ZN C10 C11  sing N N 12  
1ZN C10 C12  sing N N 13  
1ZN C12 C13  doub N N 14  
1ZN C13 C14  sing N N 15  
1ZN C13 C15  sing N N 16  
1ZN C15 C16  doub N N 17  
1ZN C16 CA   sing N N 18  
1ZN CA  N    sing N N 19  
1ZN CA  C18  sing N N 20  
1ZN C18 C19  sing N N 21  
1ZN C18 C    sing N N 22  
1ZN C   OXT  sing N N 23  
1ZN C   O    doub N N 24  
1ZN C1  H1   sing N N 25  
1ZN C1  H29  sing N N 26  
1ZN C1  H3   sing N N 27  
1ZN C2  H4   sing N N 28  
1ZN C3  H5   sing N E 29  
1ZN C3  H6   sing N N 30  
1ZN C5  H7   sing N N 31  
1ZN C6  H8   sing N N 32  
1ZN C7  H9   sing N N 33  
1ZN C8  H10  sing N N 34  
1ZN C9  H11  sing N N 35  
1ZN C10 H12  sing N E 36  
1ZN C11 H13  sing N N 37  
1ZN C11 H14  sing N N 38  
1ZN C11 H15  sing N N 39  
1ZN C12 H16  sing N N 40  
1ZN C14 H17  sing N N 41  
1ZN C14 H18  sing N N 42  
1ZN C14 H19  sing N N 43  
1ZN C15 H20  sing N N 44  
1ZN C16 H21  sing N N 45  
1ZN CA  HA   sing N N 46  
1ZN N   H    sing N N 47  
1ZN N   H2   sing N N 48  
1ZN C18 H25  sing N N 49  
1ZN C19 H26  sing N N 50  
1ZN C19 H27  sing N N 51  
1ZN C19 H28  sing N N 52  
1ZN OXT HXT  sing N N 53  
ACB C   O    doub N N 54  
ACB C   OXT  sing N N 55  
ACB C   CA   sing N N 56  
ACB OXT HXT  sing N N 57  
ACB CA  N    sing N N 58  
ACB CA  CB   sing N N 59  
ACB CA  HA   sing N N 60  
ACB N   H    sing N N 61  
ACB N   H2   sing N N 62  
ACB CB  CG   sing N N 63  
ACB CB  C4   sing N N 64  
ACB CB  HB3  sing N N 65  
ACB CG  OD1  doub N N 66  
ACB CG  OD2  sing N N 67  
ACB C4  H41  sing N N 68  
ACB C4  H42  sing N N 69  
ACB C4  H43  sing N N 70  
ACB OD2 HD2  sing N N 71  
FGA N   CA   sing N N 72  
FGA N   H    sing N N 73  
FGA N   H2   sing N N 74  
FGA CA  C    sing N N 75  
FGA CA  CB   sing N N 76  
FGA CA  HA   sing N N 77  
FGA C   O    doub N N 78  
FGA C   OXT  sing N N 79  
FGA CB  CG   sing N N 80  
FGA CB  HB2  sing N N 81  
FGA CB  HB3  sing N N 82  
FGA CG  CD   sing N N 83  
FGA CG  HG2  sing N N 84  
FGA CG  HG3  sing N N 85  
FGA CD  OE1  doub N N 86  
FGA CD  OE2  sing N N 87  
FGA OE2 HE2  sing N N 88  
FGA OXT HXT  sing N N 89  
MDH N   CM   sing N N 90  
MDH N   CA   sing N N 91  
MDH N   H    sing N N 92  
MDH CM  HM1  sing N N 93  
MDH CM  HM2  sing N N 94  
MDH CM  HM3  sing N N 95  
MDH CA  C    sing N N 96  
MDH CA  CB   doub N Z 97  
MDH C   O    doub N N 98  
MDH C   OXT  sing N N 99  
MDH OXT HXT  sing N N 100 
MDH CB  CG   sing N N 101 
MDH CB  HB   sing N N 102 
MDH CG  HG1  sing N N 103 
MDH CG  HG2  sing N N 104 
MDH CG  HG3  sing N N 105 
VAL N   CA   sing N N 106 
VAL N   H    sing N N 107 
VAL N   H2   sing N N 108 
VAL CA  C    sing N N 109 
VAL CA  CB   sing N N 110 
VAL CA  HA   sing N N 111 
VAL C   O    doub N N 112 
VAL C   OXT  sing N N 113 
VAL CB  CG1  sing N N 114 
VAL CB  CG2  sing N N 115 
VAL CB  HB   sing N N 116 
VAL CG1 HG11 sing N N 117 
VAL CG1 HG12 sing N N 118 
VAL CG1 HG13 sing N N 119 
VAL CG2 HG21 sing N N 120 
VAL CG2 HG22 sing N N 121 
VAL CG2 HG23 sing N N 122 
VAL OXT HXT  sing N N 123 
# 
